data_2V8Q
#
_entry.id   2V8Q
#
_cell.length_a   48.522
_cell.length_b   119.390
_cell.length_c   129.310
_cell.angle_alpha   90.00
_cell.angle_beta   90.00
_cell.angle_gamma   90.00
#
_symmetry.space_group_name_H-M   'P 21 21 21'
#
loop_
_entity.id
_entity.type
_entity.pdbx_description
1 polymer "5'-AMP-ACTIVATED PROTEIN KINASE CATALYTIC SUBUNIT ALPHA-1"
2 polymer "5'-AMP-ACTIVATED PROTEIN KINASE SUBUNIT BETA-2"
3 polymer "5'-AMP-ACTIVATED PROTEIN KINASE SUBUNIT GAMMA-1"
4 non-polymer 'ADENOSINE MONOPHOSPHATE'
5 water water
#
loop_
_entity_poly.entity_id
_entity_poly.type
_entity_poly.pdbx_seq_one_letter_code
_entity_poly.pdbx_strand_id
1 'polypeptide(L)'
;GSMAWHLGIRSQSRPNDIMAEVCRAIKQLDYEWKVVNPYYLRVRRKNPVTSTFSKMSLQLYQVDSRTYLLDFRSIDDEIT
EAKSGTATPQRSGSISNYRSCQRSDSDAEAQGKPSEVSLTSSVTSLDSSPVDVAPRPGSHTIEFFEMCANLIKILAQ
;
A
2 'polypeptide(L)'
;MGPYGQEMYAFRSEERFKSPPILPPHLLQVILNKDTNISCDPALLPEPNHVMLNHLYALSIKDSVMVLSATHRYKKKYVT
TLLYKPI
;
B
3 'polypeptide(L)'
;MESVAAESAPAPENEHSQETPESNSSVYTTFMKSHRCYDLIPTSSKLVVFDTSLQVKKAFFALVTNGVRAAPLWDSKKQS
FVGMLTITDFINILHRYYKSALVQIYELEEHKIETWREVYLQDSFKPLVCISPNASLFDAVSSLIRNKIHRLPVIDPESG
NTLYILTHKRILKFLKLFITEFPKPEFMSKSLEELQIGTYANIAMVRTTTPVYVALGIFVQHRVSALPVVDEKGRVVDIY
SKFDVINLAAEKTYNNLDVSVTKALQHRSHYFEGVLKCYLHETLEAIINRLVEAEVHRLVVVDEHDVVKGIVSLSDILQA
LVLTGGEKKP
;
E
#
loop_
_chem_comp.id
_chem_comp.type
_chem_comp.name
_chem_comp.formula
AMP non-polymer 'ADENOSINE MONOPHOSPHATE' 'C10 H14 N5 O7 P'
#
# COMPACT_ATOMS: atom_id res chain seq x y z
N SER A 2 -2.43 -14.07 -1.54
CA SER A 2 -1.44 -14.05 -0.42
C SER A 2 -1.99 -14.77 0.80
N MET A 3 -2.34 -16.05 0.62
CA MET A 3 -2.92 -16.86 1.69
C MET A 3 -1.87 -17.44 2.65
N ALA A 4 -0.96 -18.27 2.13
CA ALA A 4 -0.04 -19.05 3.00
C ALA A 4 1.41 -18.51 3.07
N TRP A 5 1.74 -17.92 4.21
CA TRP A 5 3.05 -17.33 4.45
C TRP A 5 3.99 -18.32 5.12
N HIS A 6 5.19 -18.47 4.57
CA HIS A 6 6.16 -19.41 5.13
C HIS A 6 7.30 -18.64 5.77
N LEU A 7 7.72 -19.07 6.96
CA LEU A 7 8.86 -18.49 7.63
C LEU A 7 10.14 -18.94 6.92
N GLY A 8 10.89 -17.96 6.42
CA GLY A 8 12.13 -18.21 5.67
C GLY A 8 11.97 -19.26 4.60
N ILE A 9 13.00 -20.09 4.43
CA ILE A 9 13.03 -21.10 3.38
C ILE A 9 13.49 -22.44 3.96
N ARG A 10 12.99 -23.53 3.40
CA ARG A 10 13.31 -24.87 3.90
C ARG A 10 14.23 -25.63 2.94
N SER A 11 14.97 -26.57 3.51
CA SER A 11 15.93 -27.35 2.76
C SER A 11 16.05 -28.75 3.35
N GLN A 12 16.31 -29.73 2.48
CA GLN A 12 16.65 -31.06 2.96
C GLN A 12 18.13 -31.36 2.72
N SER A 13 18.90 -30.30 2.45
CA SER A 13 20.36 -30.39 2.34
C SER A 13 20.97 -30.59 3.73
N ARG A 14 22.20 -31.12 3.79
CA ARG A 14 22.88 -31.31 5.07
C ARG A 14 23.13 -29.94 5.69
N PRO A 15 22.87 -29.78 7.01
CA PRO A 15 23.02 -28.47 7.66
C PRO A 15 24.44 -27.90 7.50
N ASN A 16 25.43 -28.80 7.54
CA ASN A 16 26.82 -28.42 7.29
C ASN A 16 27.00 -27.76 5.92
N ASP A 17 26.32 -28.32 4.91
CA ASP A 17 26.35 -27.76 3.56
C ASP A 17 25.57 -26.45 3.46
N ILE A 18 24.48 -26.35 4.21
CA ILE A 18 23.68 -25.11 4.23
C ILE A 18 24.52 -23.95 4.77
N MET A 19 25.16 -24.15 5.92
CA MET A 19 25.96 -23.10 6.55
C MET A 19 27.19 -22.75 5.71
N ALA A 20 27.91 -23.77 5.24
CA ALA A 20 29.05 -23.55 4.35
C ALA A 20 28.67 -22.66 3.17
N GLU A 21 27.59 -23.01 2.49
CA GLU A 21 27.12 -22.24 1.32
C GLU A 21 26.66 -20.82 1.64
N VAL A 22 25.95 -20.62 2.75
CA VAL A 22 25.53 -19.25 3.12
C VAL A 22 26.75 -18.38 3.46
N CYS A 23 27.74 -18.96 4.16
CA CYS A 23 28.99 -18.24 4.43
C CYS A 23 29.75 -17.91 3.15
N ARG A 24 29.74 -18.84 2.18
CA ARG A 24 30.32 -18.59 0.86
C ARG A 24 29.63 -17.42 0.14
N ALA A 25 28.29 -17.41 0.17
CA ALA A 25 27.50 -16.34 -0.45
C ALA A 25 27.72 -14.99 0.22
N ILE A 26 27.80 -15.00 1.55
CA ILE A 26 28.05 -13.78 2.32
C ILE A 26 29.38 -13.16 1.90
N LYS A 27 30.42 -13.99 1.84
CA LYS A 27 31.75 -13.59 1.41
C LYS A 27 31.74 -13.10 -0.05
N GLN A 28 30.98 -13.79 -0.90
CA GLN A 28 30.86 -13.44 -2.32
C GLN A 28 30.19 -12.09 -2.53
N LEU A 29 29.26 -11.74 -1.65
CA LEU A 29 28.49 -10.49 -1.74
C LEU A 29 29.17 -9.32 -1.01
N ASP A 30 30.33 -9.60 -0.42
CA ASP A 30 31.10 -8.63 0.37
C ASP A 30 30.36 -8.11 1.60
N TYR A 31 29.52 -8.97 2.18
CA TYR A 31 28.93 -8.66 3.48
C TYR A 31 29.96 -9.06 4.53
N GLU A 32 29.91 -8.41 5.69
CA GLU A 32 30.66 -8.88 6.84
C GLU A 32 29.74 -9.78 7.67
N TRP A 33 30.34 -10.70 8.42
CA TRP A 33 29.59 -11.62 9.28
C TRP A 33 30.39 -12.07 10.48
N LYS A 34 29.68 -12.50 11.50
CA LYS A 34 30.27 -13.17 12.65
C LYS A 34 29.45 -14.42 12.95
N VAL A 35 30.14 -15.47 13.35
CA VAL A 35 29.53 -16.74 13.73
C VAL A 35 29.27 -16.74 15.24
N VAL A 36 28.00 -16.66 15.61
CA VAL A 36 27.64 -16.72 17.04
C VAL A 36 27.67 -18.18 17.50
N ASN A 37 26.93 -19.02 16.79
CA ASN A 37 26.81 -20.49 16.96
C ASN A 37 27.10 -21.08 15.60
N PRO A 38 27.39 -22.41 15.54
CA PRO A 38 27.44 -23.07 14.24
C PRO A 38 26.20 -22.86 13.35
N TYR A 39 25.05 -22.53 13.95
CA TYR A 39 23.84 -22.33 13.17
C TYR A 39 23.25 -20.94 13.29
N TYR A 40 24.07 -19.97 13.68
CA TYR A 40 23.59 -18.62 13.99
C TYR A 40 24.64 -17.58 13.58
N LEU A 41 24.32 -16.81 12.55
CA LEU A 41 25.20 -15.78 12.02
C LEU A 41 24.57 -14.41 12.16
N ARG A 42 25.41 -13.41 12.42
CA ARG A 42 25.02 -12.01 12.40
C ARG A 42 25.74 -11.40 11.22
N VAL A 43 24.98 -10.78 10.32
CA VAL A 43 25.60 -10.22 9.10
C VAL A 43 25.36 -8.72 8.95
N ARG A 44 26.30 -8.06 8.29
CA ARG A 44 26.27 -6.63 8.11
C ARG A 44 26.73 -6.29 6.69
N ARG A 45 26.05 -5.34 6.09
CA ARG A 45 26.24 -4.95 4.70
C ARG A 45 26.24 -3.42 4.62
N LYS A 46 27.19 -2.86 3.88
CA LYS A 46 27.16 -1.44 3.55
C LYS A 46 26.43 -1.26 2.21
N ASN A 47 25.37 -0.47 2.22
CA ASN A 47 24.66 -0.16 0.99
C ASN A 47 25.55 0.63 0.03
N PRO A 48 25.79 0.10 -1.18
CA PRO A 48 26.66 0.77 -2.16
C PRO A 48 26.16 2.15 -2.61
N VAL A 49 24.85 2.30 -2.75
CA VAL A 49 24.25 3.54 -3.24
C VAL A 49 24.14 4.58 -2.12
N THR A 50 23.61 4.14 -0.98
CA THR A 50 23.25 5.01 0.14
C THR A 50 24.39 5.21 1.14
N SER A 51 25.31 4.25 1.19
CA SER A 51 26.44 4.22 2.14
C SER A 51 26.04 3.87 3.58
N THR A 52 24.79 3.45 3.79
CA THR A 52 24.35 3.05 5.13
C THR A 52 24.63 1.58 5.44
N PHE A 53 24.60 1.24 6.72
CA PHE A 53 24.80 -0.12 7.16
C PHE A 53 23.49 -0.71 7.63
N SER A 54 23.28 -1.97 7.22
CA SER A 54 22.15 -2.77 7.66
C SER A 54 22.62 -4.12 8.22
N LYS A 55 21.91 -4.59 9.24
CA LYS A 55 22.28 -5.81 9.94
C LYS A 55 21.09 -6.78 9.98
N MET A 56 21.39 -8.07 9.89
CA MET A 56 20.39 -9.12 10.07
C MET A 56 21.01 -10.36 10.71
N SER A 57 20.15 -11.25 11.21
CA SER A 57 20.56 -12.54 11.78
C SER A 57 20.07 -13.66 10.88
N LEU A 58 20.87 -14.71 10.78
CA LEU A 58 20.47 -15.96 10.14
C LEU A 58 20.54 -17.07 11.17
N GLN A 59 19.47 -17.87 11.25
CA GLN A 59 19.41 -18.98 12.18
C GLN A 59 18.84 -20.24 11.49
N LEU A 60 19.64 -21.30 11.48
CA LEU A 60 19.18 -22.61 11.01
C LEU A 60 18.47 -23.39 12.11
N TYR A 61 17.28 -23.90 11.77
CA TYR A 61 16.45 -24.71 12.63
C TYR A 61 16.20 -26.08 12.01
N GLN A 62 15.91 -27.08 12.85
CA GLN A 62 15.47 -28.38 12.35
C GLN A 62 13.96 -28.46 12.51
N VAL A 63 13.24 -28.82 11.44
CA VAL A 63 11.78 -28.90 11.49
C VAL A 63 11.20 -30.32 11.38
N ASP A 64 11.91 -31.22 10.69
CA ASP A 64 11.58 -32.65 10.63
C ASP A 64 12.80 -33.43 11.06
N SER A 65 12.88 -34.68 10.64
CA SER A 65 14.13 -35.44 10.73
C SER A 65 14.90 -35.34 9.40
N ARG A 66 14.23 -34.85 8.36
CA ARG A 66 14.85 -34.65 7.04
C ARG A 66 14.96 -33.17 6.64
N THR A 67 14.36 -32.26 7.43
CA THR A 67 14.09 -30.92 6.93
C THR A 67 14.62 -29.80 7.85
N TYR A 68 15.25 -28.82 7.23
CA TYR A 68 15.80 -27.65 7.93
C TYR A 68 15.18 -26.38 7.38
N LEU A 69 15.16 -25.35 8.22
CA LEU A 69 14.57 -24.07 7.89
C LEU A 69 15.55 -22.96 8.24
N LEU A 70 15.86 -22.14 7.24
CA LEU A 70 16.72 -20.99 7.43
C LEU A 70 15.83 -19.77 7.71
N ASP A 71 15.99 -19.22 8.91
CA ASP A 71 15.21 -18.09 9.37
C ASP A 71 16.05 -16.80 9.30
N PHE A 72 15.45 -15.73 8.77
CA PHE A 72 16.12 -14.41 8.62
C PHE A 72 15.39 -13.39 9.47
N ARG A 73 16.13 -12.60 10.24
CA ARG A 73 15.54 -11.60 11.11
C ARG A 73 16.32 -10.29 10.99
N SER A 74 15.62 -9.18 10.78
CA SER A 74 16.30 -7.90 10.69
C SER A 74 16.65 -7.41 12.09
N ILE A 75 17.73 -6.65 12.17
CA ILE A 75 18.20 -6.11 13.43
C ILE A 75 18.08 -4.60 13.37
N ASP A 76 17.31 -4.05 14.32
CA ASP A 76 17.00 -2.64 14.36
C ASP A 76 18.24 -1.81 14.65
N ASP A 77 18.30 -0.63 14.03
CA ASP A 77 19.36 0.35 14.25
C ASP A 77 19.54 0.70 15.73
N GLU A 78 20.74 0.45 16.24
CA GLU A 78 21.18 0.87 17.59
C GLU A 78 20.77 -0.13 18.67
N VAL A 133 8.04 18.12 -0.08
CA VAL A 133 8.78 17.16 0.74
C VAL A 133 8.88 15.79 0.05
N ALA A 134 10.12 15.39 -0.25
CA ALA A 134 10.40 14.18 -1.03
C ALA A 134 11.48 13.32 -0.35
N PRO A 135 11.29 11.99 -0.32
CA PRO A 135 12.13 11.07 0.46
C PRO A 135 13.58 11.03 0.02
N ARG A 136 14.46 10.76 0.97
CA ARG A 136 15.85 10.45 0.69
C ARG A 136 15.95 8.97 0.30
N PRO A 137 17.02 8.60 -0.42
CA PRO A 137 17.31 7.17 -0.64
C PRO A 137 17.37 6.36 0.67
N GLY A 138 16.82 5.16 0.64
CA GLY A 138 16.86 4.25 1.77
C GLY A 138 15.54 3.80 2.37
N SER A 139 15.49 2.53 2.77
CA SER A 139 14.43 2.00 3.63
C SER A 139 14.98 0.76 4.30
N HIS A 140 15.13 0.82 5.62
CA HIS A 140 15.66 -0.29 6.38
C HIS A 140 14.89 -1.58 6.09
N THR A 141 13.55 -1.49 6.01
CA THR A 141 12.72 -2.66 5.75
C THR A 141 12.90 -3.21 4.35
N ILE A 142 12.89 -2.35 3.34
CA ILE A 142 13.02 -2.85 1.97
C ILE A 142 14.42 -3.42 1.73
N GLU A 143 15.43 -2.75 2.29
CA GLU A 143 16.81 -3.23 2.23
C GLU A 143 17.03 -4.58 2.91
N PHE A 144 16.31 -4.84 4.01
CA PHE A 144 16.35 -6.16 4.66
C PHE A 144 15.86 -7.23 3.68
N PHE A 145 14.76 -6.94 2.98
CA PHE A 145 14.22 -7.84 1.96
C PHE A 145 15.23 -8.12 0.84
N GLU A 146 15.89 -7.07 0.37
CA GLU A 146 16.86 -7.19 -0.70
C GLU A 146 18.08 -7.98 -0.27
N MET A 147 18.56 -7.72 0.95
CA MET A 147 19.65 -8.49 1.55
C MET A 147 19.32 -9.98 1.57
N CYS A 148 18.13 -10.32 2.08
CA CYS A 148 17.64 -11.70 2.11
C CYS A 148 17.58 -12.32 0.73
N ALA A 149 16.94 -11.61 -0.21
CA ALA A 149 16.80 -12.13 -1.56
C ALA A 149 18.16 -12.34 -2.22
N ASN A 150 19.09 -11.43 -1.96
CA ASN A 150 20.44 -11.52 -2.52
C ASN A 150 21.20 -12.71 -1.95
N LEU A 151 21.10 -12.90 -0.63
CA LEU A 151 21.75 -14.03 0.00
C LEU A 151 21.19 -15.36 -0.49
N ILE A 152 19.86 -15.46 -0.57
CA ILE A 152 19.18 -16.65 -1.09
C ILE A 152 19.60 -16.98 -2.52
N LYS A 153 19.51 -15.98 -3.41
CA LYS A 153 19.88 -16.17 -4.82
C LYS A 153 21.29 -16.76 -4.98
N ILE A 154 22.22 -16.28 -4.15
CA ILE A 154 23.63 -16.55 -4.40
C ILE A 154 24.19 -17.74 -3.58
N LEU A 155 23.30 -18.44 -2.86
CA LEU A 155 23.75 -19.59 -2.06
C LEU A 155 22.90 -20.89 -2.15
N ALA A 156 21.72 -20.79 -2.78
CA ALA A 156 20.65 -21.78 -2.64
C ALA A 156 20.13 -22.13 -4.02
N GLN A 157 19.58 -23.34 -4.14
CA GLN A 157 18.91 -23.87 -5.33
C GLN A 157 19.33 -23.25 -6.67
N GLY B 5 56.70 -34.04 32.14
CA GLY B 5 55.86 -33.21 31.22
C GLY B 5 54.92 -34.05 30.38
N GLN B 6 53.82 -34.50 30.99
CA GLN B 6 52.88 -35.41 30.36
C GLN B 6 52.06 -34.73 29.26
N GLU B 7 51.73 -35.49 28.22
CA GLU B 7 50.81 -35.06 27.18
C GLU B 7 49.45 -34.72 27.80
N MET B 8 48.79 -33.70 27.28
CA MET B 8 47.48 -33.27 27.79
C MET B 8 46.34 -33.70 26.88
N TYR B 9 45.20 -33.99 27.49
CA TYR B 9 44.06 -34.56 26.79
C TYR B 9 42.92 -33.57 26.63
N ALA B 10 42.22 -33.68 25.51
CA ALA B 10 41.11 -32.80 25.20
C ALA B 10 39.80 -33.57 25.23
N PHE B 11 38.83 -33.02 25.95
CA PHE B 11 37.50 -33.58 26.07
C PHE B 11 36.54 -32.69 25.30
N ARG B 12 35.99 -33.24 24.21
CA ARG B 12 35.14 -32.47 23.30
C ARG B 12 33.71 -32.95 23.38
N SER B 13 32.87 -32.12 24.01
CA SER B 13 31.42 -32.33 24.08
C SER B 13 30.85 -32.74 22.72
N GLU B 14 31.52 -32.27 21.67
CA GLU B 14 31.30 -32.68 20.28
C GLU B 14 29.92 -32.27 19.77
N GLU B 15 28.89 -32.75 20.44
CA GLU B 15 27.52 -32.62 19.97
C GLU B 15 26.59 -31.90 20.95
N ARG B 16 26.86 -30.61 21.15
CA ARG B 16 25.88 -29.64 21.66
C ARG B 16 25.18 -29.08 20.43
N PHE B 17 25.92 -29.06 19.33
CA PHE B 17 25.46 -28.56 18.04
C PHE B 17 25.59 -29.69 17.03
N LYS B 18 25.12 -30.88 17.42
CA LYS B 18 25.01 -32.02 16.50
C LYS B 18 24.13 -31.60 15.34
N SER B 19 22.90 -31.22 15.68
CA SER B 19 21.92 -30.77 14.70
C SER B 19 21.45 -29.36 15.06
N PRO B 20 20.96 -28.60 14.06
CA PRO B 20 20.31 -27.33 14.34
C PRO B 20 19.24 -27.47 15.42
N PRO B 21 19.03 -26.41 16.22
CA PRO B 21 18.01 -26.47 17.25
C PRO B 21 16.64 -26.78 16.67
N ILE B 22 15.80 -27.45 17.45
CA ILE B 22 14.42 -27.67 17.04
C ILE B 22 13.72 -26.31 17.04
N LEU B 23 12.67 -26.20 16.24
CA LEU B 23 12.11 -24.89 15.93
C LEU B 23 11.63 -24.06 17.14
N PRO B 24 10.42 -24.34 17.67
CA PRO B 24 9.62 -23.28 18.29
C PRO B 24 10.15 -22.57 19.56
N PRO B 25 10.67 -21.33 19.38
CA PRO B 25 10.51 -20.28 20.37
C PRO B 25 9.26 -19.53 19.90
N HIS B 26 8.12 -20.20 20.08
CA HIS B 26 7.02 -20.18 19.11
C HIS B 26 7.09 -19.42 17.79
N LEU B 27 8.01 -19.88 16.94
CA LEU B 27 8.09 -19.46 15.56
C LEU B 27 7.25 -20.41 14.73
N LEU B 28 6.17 -19.89 14.14
CA LEU B 28 5.31 -20.69 13.30
C LEU B 28 5.86 -20.77 11.88
N GLN B 29 6.02 -22.00 11.39
CA GLN B 29 6.46 -22.27 10.02
C GLN B 29 5.57 -21.63 8.98
N VAL B 30 4.27 -21.59 9.28
CA VAL B 30 3.25 -21.14 8.33
C VAL B 30 2.28 -20.19 9.02
N ILE B 31 2.02 -19.07 8.36
CA ILE B 31 0.93 -18.18 8.77
C ILE B 31 -0.11 -18.18 7.66
N LEU B 32 -1.34 -18.54 8.00
CA LEU B 32 -2.43 -18.57 7.03
C LEU B 32 -3.32 -17.33 7.15
N ASN B 33 -3.25 -16.47 6.13
CA ASN B 33 -4.04 -15.23 6.09
C ASN B 33 -5.10 -15.23 4.98
N LYS B 34 -6.35 -15.35 5.38
CA LYS B 34 -7.47 -15.27 4.44
C LYS B 34 -8.23 -13.95 4.63
N ASP B 35 -8.49 -13.26 3.52
CA ASP B 35 -9.42 -12.14 3.52
C ASP B 35 -10.82 -12.74 3.65
N THR B 36 -11.29 -12.87 4.88
CA THR B 36 -12.53 -13.59 5.22
C THR B 36 -13.74 -13.12 4.41
N ASN B 37 -13.87 -11.80 4.26
CA ASN B 37 -14.95 -11.22 3.44
C ASN B 37 -14.51 -10.97 2.00
N PRO B 48 -2.02 -10.22 19.51
CA PRO B 48 -1.57 -10.87 18.28
C PRO B 48 -0.54 -11.97 18.58
N ASN B 49 0.20 -12.38 17.54
CA ASN B 49 1.35 -13.28 17.72
C ASN B 49 2.52 -12.49 18.28
N HIS B 50 3.02 -12.91 19.43
CA HIS B 50 3.98 -12.14 20.24
C HIS B 50 5.13 -11.48 19.46
N VAL B 51 6.11 -12.29 19.04
CA VAL B 51 7.30 -11.75 18.35
C VAL B 51 7.82 -12.62 17.17
N MET B 52 7.00 -12.69 16.13
CA MET B 52 7.47 -12.99 14.78
C MET B 52 7.94 -11.69 14.14
N LEU B 53 8.05 -10.65 14.97
CA LEU B 53 8.53 -9.34 14.56
C LEU B 53 9.91 -9.43 13.94
N ASN B 54 10.07 -8.74 12.82
CA ASN B 54 11.36 -8.60 12.13
C ASN B 54 11.80 -9.86 11.36
N HIS B 55 11.01 -10.93 11.41
CA HIS B 55 11.33 -12.18 10.71
C HIS B 55 10.81 -12.16 9.30
N LEU B 56 11.57 -12.78 8.39
CA LEU B 56 11.16 -12.89 7.00
C LEU B 56 10.16 -14.01 6.77
N TYR B 57 9.07 -13.62 6.10
CA TYR B 57 8.09 -14.55 5.58
C TYR B 57 8.03 -14.40 4.07
N ALA B 58 7.55 -15.44 3.39
CA ALA B 58 7.40 -15.40 1.93
C ALA B 58 6.29 -16.31 1.47
N LEU B 59 5.70 -15.95 0.33
CA LEU B 59 4.79 -16.85 -0.36
C LEU B 59 5.59 -17.78 -1.25
N SER B 60 5.00 -18.89 -1.65
CA SER B 60 5.58 -19.73 -2.70
C SER B 60 5.83 -18.86 -3.93
N ILE B 61 6.95 -19.08 -4.60
CA ILE B 61 7.22 -18.36 -5.84
C ILE B 61 6.19 -18.75 -6.91
N LYS B 62 5.54 -17.74 -7.49
CA LYS B 62 4.55 -17.91 -8.55
C LYS B 62 4.88 -17.01 -9.74
N ASP B 63 4.90 -17.59 -10.94
CA ASP B 63 5.11 -16.84 -12.19
C ASP B 63 6.31 -15.89 -12.15
N SER B 64 7.42 -16.36 -11.60
CA SER B 64 8.68 -15.60 -11.52
C SER B 64 8.65 -14.36 -10.61
N VAL B 65 7.74 -14.35 -9.63
CA VAL B 65 7.70 -13.28 -8.63
C VAL B 65 7.80 -13.79 -7.17
N MET B 66 8.81 -13.25 -6.47
CA MET B 66 8.94 -13.39 -5.03
C MET B 66 8.00 -12.43 -4.32
N VAL B 67 7.42 -12.88 -3.22
CA VAL B 67 6.71 -11.98 -2.31
C VAL B 67 7.30 -12.19 -0.93
N LEU B 68 8.04 -11.18 -0.49
CA LEU B 68 8.69 -11.17 0.81
C LEU B 68 7.91 -10.29 1.76
N SER B 69 7.84 -10.69 3.02
CA SER B 69 7.06 -9.95 4.00
C SER B 69 7.71 -9.96 5.37
N ALA B 70 7.47 -8.91 6.13
CA ALA B 70 7.88 -8.85 7.54
C ALA B 70 7.07 -7.81 8.25
N THR B 71 6.92 -7.96 9.56
CA THR B 71 6.26 -6.98 10.40
C THR B 71 7.31 -6.26 11.26
N HIS B 72 7.31 -4.92 11.18
CA HIS B 72 8.22 -4.09 11.98
C HIS B 72 7.45 -3.07 12.80
N ARG B 73 8.09 -2.58 13.85
CA ARG B 73 7.47 -1.71 14.82
C ARG B 73 8.05 -0.33 14.66
N TYR B 74 7.17 0.67 14.67
CA TYR B 74 7.57 2.06 14.81
C TYR B 74 6.79 2.62 15.99
N LYS B 75 7.53 2.96 17.04
CA LYS B 75 6.94 3.32 18.32
C LYS B 75 5.92 2.26 18.74
N LYS B 76 4.64 2.59 18.71
CA LYS B 76 3.61 1.62 19.11
C LYS B 76 2.78 1.07 17.95
N LYS B 77 3.24 1.31 16.72
CA LYS B 77 2.49 0.94 15.52
C LYS B 77 3.26 -0.15 14.78
N TYR B 78 2.52 -1.05 14.13
CA TYR B 78 3.10 -2.19 13.44
C TYR B 78 2.68 -2.17 12.00
N VAL B 79 3.67 -2.31 11.12
CA VAL B 79 3.36 -2.44 9.70
C VAL B 79 3.94 -3.74 9.17
N THR B 80 3.11 -4.46 8.44
CA THR B 80 3.49 -5.67 7.72
C THR B 80 3.65 -5.23 6.28
N THR B 81 4.89 -5.21 5.84
CA THR B 81 5.24 -4.76 4.50
C THR B 81 5.40 -5.98 3.61
N LEU B 82 4.83 -5.91 2.40
CA LEU B 82 5.01 -6.96 1.41
C LEU B 82 5.75 -6.36 0.25
N LEU B 83 6.82 -7.01 -0.18
CA LEU B 83 7.52 -6.60 -1.38
C LEU B 83 7.33 -7.60 -2.50
N TYR B 84 6.76 -7.11 -3.60
CA TYR B 84 6.67 -7.85 -4.87
C TYR B 84 7.87 -7.50 -5.72
N LYS B 85 8.64 -8.52 -6.05
CA LYS B 85 9.94 -8.38 -6.69
C LYS B 85 10.13 -9.52 -7.70
N PRO B 86 10.43 -9.19 -8.98
CA PRO B 86 10.81 -10.25 -9.92
C PRO B 86 12.11 -10.92 -9.50
N ILE B 87 12.28 -12.19 -9.87
CA ILE B 87 13.54 -12.90 -9.57
C ILE B 87 14.49 -12.82 -10.77
N SER C 23 -17.34 30.77 9.86
CA SER C 23 -17.07 31.02 11.31
C SER C 23 -15.63 30.71 11.70
N ASN C 24 -15.21 31.30 12.83
CA ASN C 24 -14.10 30.76 13.61
C ASN C 24 -12.74 30.88 12.93
N SER C 25 -11.68 30.98 13.73
CA SER C 25 -10.37 30.51 13.27
C SER C 25 -10.75 29.08 12.94
N SER C 26 -10.25 28.11 13.68
CA SER C 26 -10.94 26.84 13.63
C SER C 26 -10.53 25.90 14.72
N VAL C 27 -11.54 25.40 15.40
CA VAL C 27 -11.45 24.18 16.17
C VAL C 27 -10.75 23.10 15.29
N TYR C 28 -11.06 23.09 13.99
CA TYR C 28 -10.45 22.16 13.03
C TYR C 28 -8.98 22.45 12.69
N THR C 29 -8.69 23.70 12.33
CA THR C 29 -7.35 24.13 11.96
C THR C 29 -6.39 23.95 13.15
N THR C 30 -6.87 24.33 14.34
CA THR C 30 -6.12 24.20 15.58
C THR C 30 -5.79 22.73 15.87
N PHE C 31 -6.82 21.88 15.82
CA PHE C 31 -6.67 20.43 15.98
C PHE C 31 -5.63 19.83 15.04
N MET C 32 -5.71 20.22 13.75
CA MET C 32 -4.84 19.69 12.71
C MET C 32 -3.38 20.09 12.92
N LYS C 33 -3.17 21.33 13.34
CA LYS C 33 -1.84 21.85 13.65
C LYS C 33 -1.25 21.24 14.94
N SER C 34 -2.11 20.81 15.87
CA SER C 34 -1.64 20.25 17.14
C SER C 34 -1.44 18.72 17.14
N HIS C 35 -1.83 18.06 16.05
CA HIS C 35 -1.68 16.62 15.93
C HIS C 35 -0.71 16.17 14.85
N ARG C 36 0.06 15.13 15.16
CA ARG C 36 1.03 14.53 14.23
C ARG C 36 0.37 13.47 13.36
N CYS C 37 0.87 13.30 12.15
CA CYS C 37 0.44 12.22 11.27
C CYS C 37 0.48 10.85 11.94
N TYR C 38 1.50 10.62 12.79
CA TYR C 38 1.60 9.39 13.59
C TYR C 38 0.29 9.02 14.29
N ASP C 39 -0.42 10.02 14.80
CA ASP C 39 -1.63 9.85 15.60
C ASP C 39 -2.76 9.15 14.85
N LEU C 40 -2.78 9.25 13.53
CA LEU C 40 -3.85 8.64 12.74
C LEU C 40 -3.50 7.25 12.24
N ILE C 41 -2.29 6.78 12.50
CA ILE C 41 -1.88 5.45 12.03
C ILE C 41 -2.53 4.37 12.92
N PRO C 42 -3.14 3.35 12.31
CA PRO C 42 -3.74 2.30 13.13
C PRO C 42 -2.63 1.47 13.78
N THR C 43 -2.97 0.73 14.82
CA THR C 43 -2.01 -0.08 15.56
C THR C 43 -1.35 -1.11 14.65
N SER C 44 -2.16 -1.74 13.78
CA SER C 44 -1.65 -2.68 12.81
C SER C 44 -2.13 -2.36 11.39
N SER C 45 -1.24 -2.48 10.42
CA SER C 45 -1.60 -2.25 9.01
C SER C 45 -0.69 -3.05 8.10
N LYS C 46 -1.12 -3.24 6.86
CA LYS C 46 -0.27 -3.79 5.82
C LYS C 46 0.06 -2.78 4.73
N LEU C 47 1.18 -3.02 4.08
CA LEU C 47 1.67 -2.14 3.05
C LEU C 47 2.24 -3.00 1.95
N VAL C 48 1.71 -2.81 0.75
CA VAL C 48 2.20 -3.51 -0.41
C VAL C 48 3.16 -2.56 -1.15
N VAL C 49 4.37 -3.03 -1.43
CA VAL C 49 5.38 -2.27 -2.17
C VAL C 49 5.78 -3.02 -3.43
N PHE C 50 5.80 -2.32 -4.56
CA PHE C 50 6.28 -2.93 -5.78
C PHE C 50 7.67 -2.43 -6.17
N ASP C 51 8.56 -3.37 -6.48
CA ASP C 51 9.77 -3.05 -7.19
C ASP C 51 9.35 -2.58 -8.60
N THR C 52 10.01 -1.53 -9.10
CA THR C 52 9.64 -0.92 -10.38
C THR C 52 9.91 -1.80 -11.62
N SER C 53 10.61 -2.92 -11.43
CA SER C 53 10.86 -3.87 -12.50
C SER C 53 9.75 -4.93 -12.60
N LEU C 54 8.78 -4.90 -11.67
CA LEU C 54 7.63 -5.79 -11.72
C LEU C 54 6.77 -5.50 -12.95
N GLN C 55 6.29 -6.55 -13.61
CA GLN C 55 5.30 -6.40 -14.66
C GLN C 55 4.02 -5.73 -14.13
N VAL C 56 3.53 -4.76 -14.90
CA VAL C 56 2.34 -4.00 -14.56
C VAL C 56 1.11 -4.86 -14.27
N LYS C 57 0.88 -5.88 -15.11
CA LYS C 57 -0.23 -6.80 -14.93
C LYS C 57 -0.17 -7.54 -13.60
N LYS C 58 1.03 -7.91 -13.18
CA LYS C 58 1.23 -8.59 -11.89
C LYS C 58 0.99 -7.63 -10.71
N ALA C 59 1.44 -6.39 -10.87
CA ALA C 59 1.25 -5.34 -9.86
C ALA C 59 -0.23 -5.08 -9.60
N PHE C 60 -1.02 -4.97 -10.66
CA PHE C 60 -2.44 -4.71 -10.47
C PHE C 60 -3.23 -5.85 -9.87
N PHE C 61 -2.87 -7.08 -10.24
CA PHE C 61 -3.48 -8.26 -9.62
C PHE C 61 -3.14 -8.34 -8.14
N ALA C 62 -1.92 -7.94 -7.79
CA ALA C 62 -1.47 -7.93 -6.41
C ALA C 62 -2.26 -6.94 -5.54
N LEU C 63 -2.72 -5.83 -6.14
CA LEU C 63 -3.60 -4.87 -5.44
C LEU C 63 -4.93 -5.52 -5.10
N VAL C 64 -5.54 -6.18 -6.08
CA VAL C 64 -6.77 -6.94 -5.87
C VAL C 64 -6.57 -8.00 -4.80
N THR C 65 -5.53 -8.82 -4.99
CA THR C 65 -5.23 -9.94 -4.09
C THR C 65 -5.08 -9.50 -2.63
N ASN C 66 -4.43 -8.37 -2.43
CA ASN C 66 -4.17 -7.87 -1.08
C ASN C 66 -5.26 -6.95 -0.53
N GLY C 67 -6.26 -6.62 -1.35
CA GLY C 67 -7.33 -5.70 -0.94
C GLY C 67 -6.79 -4.31 -0.60
N VAL C 68 -5.99 -3.79 -1.51
CA VAL C 68 -5.27 -2.54 -1.29
C VAL C 68 -5.47 -1.67 -2.54
N ARG C 69 -5.53 -0.35 -2.37
CA ARG C 69 -5.81 0.57 -3.47
C ARG C 69 -4.60 1.36 -3.96
N ALA C 70 -3.47 1.18 -3.30
CA ALA C 70 -2.27 1.94 -3.62
C ALA C 70 -1.04 1.27 -3.05
N ALA C 71 0.09 1.42 -3.73
CA ALA C 71 1.34 0.80 -3.35
C ALA C 71 2.52 1.71 -3.65
N PRO C 72 3.39 2.00 -2.66
CA PRO C 72 4.66 2.69 -2.98
C PRO C 72 5.51 1.93 -3.99
N LEU C 73 6.34 2.66 -4.72
CA LEU C 73 7.20 2.09 -5.76
C LEU C 73 8.65 2.23 -5.35
N TRP C 74 9.33 1.09 -5.30
CA TRP C 74 10.73 1.05 -4.93
C TRP C 74 11.59 0.87 -6.18
N ASP C 75 12.48 1.82 -6.42
CA ASP C 75 13.47 1.72 -7.48
C ASP C 75 14.74 1.11 -6.87
N SER C 76 15.05 -0.13 -7.27
CA SER C 76 16.16 -0.86 -6.67
C SER C 76 17.53 -0.27 -6.99
N LYS C 77 17.73 0.16 -8.24
CA LYS C 77 18.99 0.80 -8.64
C LYS C 77 19.27 2.06 -7.82
N LYS C 78 18.26 2.90 -7.65
CA LYS C 78 18.36 4.14 -6.90
C LYS C 78 18.28 3.93 -5.40
N GLN C 79 17.74 2.79 -4.98
CA GLN C 79 17.57 2.47 -3.56
C GLN C 79 16.65 3.48 -2.86
N SER C 80 15.54 3.81 -3.53
CA SER C 80 14.54 4.69 -2.93
C SER C 80 13.16 4.50 -3.51
N PHE C 81 12.18 4.91 -2.73
CA PHE C 81 10.83 5.12 -3.22
C PHE C 81 10.82 6.25 -4.24
N VAL C 82 10.15 6.02 -5.36
CA VAL C 82 10.11 7.01 -6.45
C VAL C 82 8.70 7.48 -6.83
N GLY C 83 7.68 6.87 -6.24
CA GLY C 83 6.30 7.18 -6.61
C GLY C 83 5.30 6.20 -6.05
N MET C 84 4.08 6.26 -6.59
CA MET C 84 2.96 5.41 -6.19
C MET C 84 2.34 4.73 -7.40
N LEU C 85 1.72 3.58 -7.17
CA LEU C 85 0.85 3.00 -8.17
C LEU C 85 -0.52 2.87 -7.53
N THR C 86 -1.51 3.53 -8.12
CA THR C 86 -2.84 3.58 -7.56
C THR C 86 -3.82 3.08 -8.62
N ILE C 87 -5.10 3.05 -8.27
CA ILE C 87 -6.15 2.63 -9.22
C ILE C 87 -6.26 3.59 -10.39
N THR C 88 -5.94 4.86 -10.17
CA THR C 88 -5.93 5.84 -11.27
C THR C 88 -4.98 5.40 -12.38
N ASP C 89 -3.78 4.94 -11.99
CA ASP C 89 -2.79 4.42 -12.93
C ASP C 89 -3.28 3.17 -13.67
N PHE C 90 -4.03 2.31 -12.97
CA PHE C 90 -4.65 1.14 -13.60
C PHE C 90 -5.58 1.59 -14.69
N ILE C 91 -6.40 2.59 -14.39
CA ILE C 91 -7.35 3.12 -15.34
C ILE C 91 -6.66 3.75 -16.56
N ASN C 92 -5.59 4.52 -16.34
CA ASN C 92 -4.81 5.10 -17.43
C ASN C 92 -4.24 4.01 -18.34
N ILE C 93 -3.71 2.94 -17.72
CA ILE C 93 -3.14 1.81 -18.45
C ILE C 93 -4.19 0.98 -19.20
N LEU C 94 -5.30 0.64 -18.53
CA LEU C 94 -6.41 -0.09 -19.17
C LEU C 94 -6.97 0.66 -20.37
N HIS C 95 -7.12 1.96 -20.23
CA HIS C 95 -7.66 2.78 -21.32
C HIS C 95 -6.69 2.77 -22.49
N ARG C 96 -5.41 2.96 -22.21
CA ARG C 96 -4.36 2.88 -23.23
C ARG C 96 -4.32 1.52 -23.92
N TYR C 97 -4.45 0.46 -23.12
CA TYR C 97 -4.47 -0.91 -23.61
C TYR C 97 -5.66 -1.15 -24.54
N TYR C 98 -6.84 -0.69 -24.14
CA TYR C 98 -8.05 -0.87 -24.96
C TYR C 98 -7.90 -0.21 -26.34
N LYS C 99 -7.46 1.05 -26.34
CA LYS C 99 -7.30 1.79 -27.60
C LYS C 99 -6.18 1.21 -28.47
N SER C 100 -5.04 0.89 -27.86
CA SER C 100 -3.90 0.33 -28.59
C SER C 100 -4.22 -1.02 -29.25
N ALA C 101 -5.02 -1.84 -28.57
CA ALA C 101 -5.45 -3.15 -29.10
C ALA C 101 -6.23 -3.00 -30.41
N LEU C 102 -7.02 -1.93 -30.50
CA LEU C 102 -7.81 -1.63 -31.71
C LEU C 102 -6.93 -1.31 -32.91
N VAL C 103 -5.65 -1.08 -32.61
CA VAL C 103 -4.65 -0.69 -33.60
C VAL C 103 -3.52 -1.75 -33.58
N GLN C 104 -3.84 -2.86 -32.92
CA GLN C 104 -2.99 -4.07 -32.86
C GLN C 104 -1.62 -3.78 -32.22
N ILE C 105 -1.63 -2.92 -31.22
CA ILE C 105 -0.45 -2.63 -30.41
C ILE C 105 -0.73 -3.27 -29.04
N TYR C 106 0.07 -4.27 -28.71
CA TYR C 106 -0.12 -5.05 -27.50
C TYR C 106 1.20 -5.03 -26.73
N GLU C 107 1.46 -3.93 -26.03
CA GLU C 107 2.71 -3.77 -25.30
C GLU C 107 2.41 -3.75 -23.83
N LEU C 108 1.60 -2.75 -23.46
CA LEU C 108 1.47 -2.31 -22.09
C LEU C 108 1.39 -3.42 -21.07
N GLU C 109 0.72 -4.52 -21.41
CA GLU C 109 0.43 -5.49 -20.39
C GLU C 109 1.67 -6.31 -19.99
N GLU C 110 2.63 -6.41 -20.90
CA GLU C 110 3.98 -6.94 -20.59
C GLU C 110 5.00 -5.86 -20.21
N HIS C 111 4.56 -4.60 -20.24
CA HIS C 111 5.29 -3.47 -19.66
C HIS C 111 5.58 -3.74 -18.19
N LYS C 112 6.78 -3.38 -17.76
CA LYS C 112 7.03 -3.27 -16.33
C LYS C 112 6.66 -1.85 -15.87
N ILE C 113 6.53 -1.68 -14.55
CA ILE C 113 6.15 -0.41 -13.95
C ILE C 113 7.06 0.72 -14.45
N GLU C 114 8.36 0.47 -14.41
CA GLU C 114 9.39 1.36 -14.97
C GLU C 114 9.03 1.92 -16.34
N THR C 115 8.74 1.01 -17.26
CA THR C 115 8.54 1.36 -18.65
C THR C 115 7.24 2.12 -18.88
N TRP C 116 6.19 1.82 -18.12
CA TRP C 116 4.98 2.62 -18.20
C TRP C 116 5.21 4.03 -17.68
N ARG C 117 5.93 4.15 -16.56
CA ARG C 117 6.22 5.44 -15.97
C ARG C 117 7.06 6.33 -16.90
N GLU C 118 8.04 5.74 -17.56
CA GLU C 118 8.86 6.44 -18.54
C GLU C 118 8.03 6.87 -19.75
N VAL C 119 7.04 6.06 -20.11
CA VAL C 119 6.14 6.32 -21.23
C VAL C 119 5.19 7.50 -20.99
N TYR C 120 4.86 7.79 -19.73
CA TYR C 120 4.08 8.98 -19.43
C TYR C 120 4.85 10.12 -18.76
N LEU C 121 5.52 9.84 -17.64
CA LEU C 121 6.23 10.90 -16.90
C LEU C 121 7.54 11.32 -17.58
N GLN C 122 7.48 11.59 -18.90
CA GLN C 122 8.68 11.84 -19.72
C GLN C 122 9.53 13.00 -19.19
N ASP C 123 9.22 14.22 -19.63
CA ASP C 123 9.83 15.43 -19.10
C ASP C 123 9.01 15.94 -17.91
N SER C 124 7.71 15.63 -17.95
CA SER C 124 6.75 16.03 -16.92
C SER C 124 7.07 15.42 -15.55
N PHE C 125 7.83 16.16 -14.75
CA PHE C 125 8.25 15.73 -13.43
C PHE C 125 7.08 15.58 -12.46
N LYS C 126 6.91 14.37 -11.94
CA LYS C 126 6.00 14.12 -10.81
C LYS C 126 6.72 13.30 -9.74
N PRO C 127 7.46 13.98 -8.85
CA PRO C 127 8.19 13.27 -7.80
C PRO C 127 7.23 12.73 -6.73
N LEU C 128 7.72 11.77 -5.95
CA LEU C 128 6.96 11.20 -4.86
C LEU C 128 6.70 12.26 -3.79
N VAL C 129 5.43 12.45 -3.44
CA VAL C 129 5.11 13.31 -2.32
C VAL C 129 4.77 12.47 -1.08
N CYS C 130 5.41 12.81 0.02
CA CYS C 130 5.29 12.05 1.25
C CYS C 130 5.27 12.99 2.43
N ILE C 131 5.09 12.42 3.62
CA ILE C 131 5.08 13.21 4.84
C ILE C 131 5.67 12.43 6.02
N SER C 132 6.34 13.15 6.91
CA SER C 132 6.89 12.57 8.12
C SER C 132 5.78 12.22 9.12
N PRO C 133 5.94 11.11 9.89
CA PRO C 133 5.00 10.81 10.98
C PRO C 133 4.95 11.94 12.03
N ASN C 134 6.03 12.71 12.14
CA ASN C 134 6.10 13.82 13.09
C ASN C 134 5.55 15.15 12.55
N ALA C 135 5.20 15.20 11.26
CA ALA C 135 4.62 16.42 10.69
C ALA C 135 3.15 16.53 11.04
N SER C 136 2.62 17.74 10.99
CA SER C 136 1.24 17.99 11.41
C SER C 136 0.22 17.41 10.43
N LEU C 137 -0.95 17.11 10.97
CA LEU C 137 -2.09 16.72 10.16
C LEU C 137 -2.49 17.83 9.18
N PHE C 138 -2.33 19.09 9.61
CA PHE C 138 -2.58 20.25 8.76
C PHE C 138 -1.69 20.22 7.52
N ASP C 139 -0.42 19.86 7.72
CA ASP C 139 0.54 19.75 6.61
C ASP C 139 0.15 18.62 5.66
N ALA C 140 -0.34 17.51 6.22
CA ALA C 140 -0.83 16.37 5.43
C ALA C 140 -2.01 16.77 4.55
N VAL C 141 -3.02 17.41 5.14
CA VAL C 141 -4.20 17.83 4.39
C VAL C 141 -3.79 18.80 3.27
N SER C 142 -2.95 19.78 3.60
CA SER C 142 -2.46 20.75 2.62
C SER C 142 -1.71 20.09 1.45
N SER C 143 -0.88 19.11 1.78
CA SER C 143 -0.17 18.34 0.77
C SER C 143 -1.10 17.55 -0.16
N LEU C 144 -2.14 16.92 0.39
CA LEU C 144 -3.11 16.20 -0.43
C LEU C 144 -3.80 17.13 -1.42
N ILE C 145 -4.30 18.27 -0.92
CA ILE C 145 -4.96 19.28 -1.76
C ILE C 145 -4.02 19.87 -2.81
N ARG C 146 -2.89 20.40 -2.38
CA ARG C 146 -1.95 21.09 -3.27
C ARG C 146 -1.43 20.20 -4.40
N ASN C 147 -1.19 18.93 -4.10
CA ASN C 147 -0.67 18.00 -5.09
C ASN C 147 -1.75 17.28 -5.89
N LYS C 148 -3.01 17.53 -5.54
CA LYS C 148 -4.17 16.92 -6.21
C LYS C 148 -4.05 15.38 -6.21
N ILE C 149 -3.93 14.86 -5.00
CA ILE C 149 -3.56 13.49 -4.77
C ILE C 149 -4.49 12.88 -3.70
N HIS C 150 -4.62 11.55 -3.70
CA HIS C 150 -5.51 10.82 -2.78
C HIS C 150 -4.77 9.85 -1.82
N ARG C 151 -3.46 9.74 -1.97
CA ARG C 151 -2.65 8.78 -1.20
C ARG C 151 -1.40 9.48 -0.73
N LEU C 152 -1.24 9.60 0.58
CA LEU C 152 -0.08 10.28 1.11
C LEU C 152 0.70 9.34 2.02
N PRO C 153 1.81 8.78 1.51
CA PRO C 153 2.62 7.88 2.33
C PRO C 153 3.31 8.63 3.47
N VAL C 154 3.20 8.06 4.66
CA VAL C 154 3.85 8.58 5.84
C VAL C 154 5.17 7.84 5.93
N ILE C 155 6.28 8.57 5.77
CA ILE C 155 7.60 7.96 5.69
C ILE C 155 8.49 8.45 6.81
N ASP C 156 8.96 7.52 7.64
CA ASP C 156 9.86 7.81 8.75
C ASP C 156 11.22 8.26 8.19
N PRO C 157 11.62 9.53 8.48
CA PRO C 157 12.92 10.00 7.95
C PRO C 157 14.12 9.22 8.49
N GLU C 158 14.04 8.74 9.74
CA GLU C 158 15.17 8.02 10.33
C GLU C 158 15.43 6.66 9.68
N SER C 159 14.35 5.91 9.45
CA SER C 159 14.36 4.57 8.84
C SER C 159 14.31 4.58 7.33
N GLY C 160 13.58 5.55 6.80
CA GLY C 160 13.23 5.58 5.40
C GLY C 160 12.02 4.68 5.12
N ASN C 161 11.46 4.09 6.17
CA ASN C 161 10.32 3.17 6.07
C ASN C 161 8.99 3.89 5.86
N THR C 162 8.23 3.45 4.87
CA THR C 162 6.85 3.87 4.74
C THR C 162 6.06 3.13 5.82
N LEU C 163 5.29 3.89 6.60
CA LEU C 163 4.57 3.30 7.72
C LEU C 163 3.11 3.05 7.41
N TYR C 164 2.56 3.88 6.52
CA TYR C 164 1.12 3.97 6.37
C TYR C 164 0.82 4.88 5.21
N ILE C 165 -0.31 4.66 4.54
CA ILE C 165 -0.76 5.55 3.47
C ILE C 165 -2.00 6.32 3.94
N LEU C 166 -1.84 7.62 4.10
CA LEU C 166 -2.89 8.52 4.58
C LEU C 166 -3.87 8.84 3.45
N THR C 167 -5.16 8.87 3.77
CA THR C 167 -6.23 9.16 2.79
C THR C 167 -7.18 10.23 3.34
N HIS C 168 -7.98 10.86 2.45
CA HIS C 168 -9.02 11.83 2.88
C HIS C 168 -10.01 11.18 3.86
N LYS C 169 -10.44 9.96 3.54
CA LYS C 169 -11.40 9.21 4.33
C LYS C 169 -10.95 9.04 5.79
N ARG C 170 -9.71 8.59 5.97
CA ARG C 170 -9.14 8.38 7.30
C ARG C 170 -9.10 9.68 8.10
N ILE C 171 -8.60 10.73 7.45
CA ILE C 171 -8.49 12.05 8.07
C ILE C 171 -9.85 12.57 8.54
N LEU C 172 -10.87 12.54 7.67
CA LEU C 172 -12.17 13.08 8.10
C LEU C 172 -12.74 12.27 9.25
N LYS C 173 -12.55 10.94 9.21
CA LYS C 173 -13.04 10.10 10.32
C LYS C 173 -12.36 10.50 11.64
N PHE C 174 -11.03 10.63 11.60
CA PHE C 174 -10.27 11.02 12.77
C PHE C 174 -10.77 12.36 13.33
N LEU C 175 -10.93 13.34 12.44
CA LEU C 175 -11.45 14.68 12.83
C LEU C 175 -12.80 14.59 13.53
N LYS C 176 -13.74 13.89 12.90
CA LYS C 176 -15.09 13.69 13.43
C LYS C 176 -15.07 13.04 14.82
N LEU C 177 -14.23 12.03 14.99
CA LEU C 177 -14.16 11.29 16.23
C LEU C 177 -13.54 12.05 17.39
N PHE C 178 -12.46 12.76 17.12
CA PHE C 178 -11.65 13.31 18.22
C PHE C 178 -11.89 14.79 18.52
N ILE C 179 -12.77 15.42 17.75
CA ILE C 179 -13.13 16.79 18.05
C ILE C 179 -14.50 16.84 18.73
N THR C 180 -14.51 17.46 19.91
CA THR C 180 -15.74 17.71 20.65
C THR C 180 -16.77 18.40 19.78
N GLU C 181 -18.04 18.14 20.07
CA GLU C 181 -19.11 18.73 19.29
C GLU C 181 -19.30 20.22 19.60
N PHE C 182 -19.30 20.58 20.89
CA PHE C 182 -19.95 21.84 21.30
C PHE C 182 -19.18 23.10 21.70
N PRO C 183 -17.86 23.12 21.51
CA PRO C 183 -17.36 24.37 20.94
C PRO C 183 -17.51 24.23 19.41
N LYS C 184 -18.65 24.66 18.89
CA LYS C 184 -19.02 24.39 17.50
C LYS C 184 -18.97 25.64 16.61
N PRO C 185 -18.19 25.56 15.51
CA PRO C 185 -18.13 26.68 14.58
C PRO C 185 -19.50 26.97 13.97
N GLU C 186 -19.80 28.26 13.83
CA GLU C 186 -21.02 28.74 13.18
C GLU C 186 -21.22 28.08 11.80
N PHE C 187 -20.12 27.91 11.06
CA PHE C 187 -20.19 27.36 9.69
C PHE C 187 -20.72 25.93 9.60
N MET C 188 -20.64 25.18 10.70
CA MET C 188 -21.14 23.80 10.73
C MET C 188 -22.65 23.72 10.54
N SER C 189 -23.36 24.78 10.95
CA SER C 189 -24.81 24.89 10.80
C SER C 189 -25.26 25.59 9.51
N LYS C 190 -24.30 25.88 8.64
CA LYS C 190 -24.59 26.46 7.33
C LYS C 190 -24.61 25.39 6.26
N SER C 191 -25.41 25.61 5.22
CA SER C 191 -25.59 24.61 4.17
C SER C 191 -24.45 24.59 3.15
N LEU C 192 -24.40 23.51 2.36
CA LEU C 192 -23.46 23.39 1.23
C LEU C 192 -23.66 24.56 0.27
N GLU C 193 -24.92 24.89 0.04
CA GLU C 193 -25.33 26.04 -0.75
C GLU C 193 -24.63 27.34 -0.31
N GLU C 194 -24.78 27.70 0.96
CA GLU C 194 -24.23 28.95 1.43
C GLU C 194 -22.71 28.93 1.60
N LEU C 195 -22.17 27.76 1.95
CA LEU C 195 -20.72 27.63 2.07
C LEU C 195 -20.03 27.50 0.72
N GLN C 196 -20.80 27.17 -0.31
CA GLN C 196 -20.29 26.85 -1.64
C GLN C 196 -19.22 25.74 -1.61
N ILE C 197 -19.60 24.62 -1.01
CA ILE C 197 -18.75 23.44 -0.95
C ILE C 197 -19.32 22.42 -1.92
N GLY C 198 -18.48 21.98 -2.86
CA GLY C 198 -18.86 20.96 -3.83
C GLY C 198 -18.62 21.43 -5.26
N THR C 199 -18.92 20.56 -6.23
CA THR C 199 -18.86 20.91 -7.63
C THR C 199 -20.27 20.87 -8.22
N TYR C 200 -20.65 21.95 -8.92
CA TYR C 200 -22.03 22.12 -9.38
C TYR C 200 -22.15 22.40 -10.87
N ALA C 201 -21.08 22.14 -11.61
CA ALA C 201 -21.08 22.25 -13.07
C ALA C 201 -20.20 21.18 -13.71
N ASN C 202 -20.52 20.83 -14.95
CA ASN C 202 -19.74 19.89 -15.75
C ASN C 202 -19.54 18.58 -15.00
N ILE C 203 -20.64 18.04 -14.47
CA ILE C 203 -20.57 16.78 -13.72
C ILE C 203 -20.36 15.64 -14.71
N ALA C 204 -19.27 14.93 -14.55
CA ALA C 204 -18.99 13.77 -15.39
C ALA C 204 -19.86 12.61 -14.93
N MET C 205 -20.74 12.15 -15.82
CA MET C 205 -21.69 11.07 -15.51
C MET C 205 -21.73 10.06 -16.66
N VAL C 206 -22.32 8.90 -16.38
CA VAL C 206 -22.57 7.86 -17.39
C VAL C 206 -24.02 7.41 -17.32
N ARG C 207 -24.44 6.63 -18.30
CA ARG C 207 -25.75 5.98 -18.22
C ARG C 207 -25.63 4.50 -17.86
N THR C 208 -26.79 3.87 -17.64
CA THR C 208 -26.90 2.44 -17.32
C THR C 208 -26.15 1.53 -18.31
N THR C 209 -26.28 1.86 -19.59
CA THR C 209 -25.83 1.05 -20.70
C THR C 209 -24.45 1.46 -21.22
N THR C 210 -23.87 2.51 -20.62
CA THR C 210 -22.55 3.01 -21.00
C THR C 210 -21.47 1.92 -20.85
N PRO C 211 -20.76 1.59 -21.94
CA PRO C 211 -19.67 0.61 -21.85
C PRO C 211 -18.57 1.03 -20.87
N VAL C 212 -17.94 0.04 -20.24
CA VAL C 212 -16.85 0.27 -19.29
C VAL C 212 -15.72 1.10 -19.92
N TYR C 213 -15.35 0.78 -21.16
CA TYR C 213 -14.26 1.49 -21.83
C TYR C 213 -14.56 2.98 -22.02
N VAL C 214 -15.84 3.32 -22.20
CA VAL C 214 -16.27 4.72 -22.28
C VAL C 214 -16.08 5.42 -20.93
N ALA C 215 -16.52 4.76 -19.86
CA ALA C 215 -16.31 5.26 -18.50
C ALA C 215 -14.84 5.51 -18.20
N LEU C 216 -13.97 4.59 -18.62
CA LEU C 216 -12.53 4.71 -18.42
C LEU C 216 -11.98 5.96 -19.09
N GLY C 217 -12.37 6.20 -20.34
CA GLY C 217 -11.98 7.41 -21.05
C GLY C 217 -12.44 8.69 -20.35
N ILE C 218 -13.64 8.61 -19.75
CA ILE C 218 -14.17 9.70 -18.95
C ILE C 218 -13.31 9.93 -17.70
N PHE C 219 -12.98 8.86 -16.98
CA PHE C 219 -12.05 8.97 -15.84
C PHE C 219 -10.73 9.60 -16.24
N VAL C 220 -10.21 9.19 -17.40
CA VAL C 220 -8.91 9.64 -17.87
C VAL C 220 -8.92 11.13 -18.21
N GLN C 221 -9.97 11.59 -18.90
CA GLN C 221 -10.04 13.00 -19.27
C GLN C 221 -10.35 13.96 -18.11
N HIS C 222 -11.26 13.55 -17.22
CA HIS C 222 -11.78 14.46 -16.21
C HIS C 222 -11.09 14.37 -14.84
N ARG C 223 -10.32 13.32 -14.61
CA ARG C 223 -9.54 13.18 -13.36
C ARG C 223 -10.42 13.34 -12.12
N VAL C 224 -11.41 12.46 -12.06
CA VAL C 224 -12.51 12.50 -11.11
C VAL C 224 -12.65 11.09 -10.51
N SER C 225 -12.99 10.96 -9.23
CA SER C 225 -12.88 9.66 -8.53
C SER C 225 -14.08 8.72 -8.70
N ALA C 226 -15.24 9.26 -9.12
CA ALA C 226 -16.42 8.44 -9.37
C ALA C 226 -17.37 9.12 -10.35
N LEU C 227 -18.15 8.31 -11.04
CA LEU C 227 -19.14 8.77 -12.01
C LEU C 227 -20.54 8.35 -11.58
N PRO C 228 -21.44 9.34 -11.37
CA PRO C 228 -22.85 8.95 -11.19
C PRO C 228 -23.41 8.24 -12.42
N VAL C 229 -24.23 7.23 -12.17
CA VAL C 229 -24.93 6.50 -13.23
C VAL C 229 -26.37 7.00 -13.23
N VAL C 230 -26.81 7.54 -14.35
CA VAL C 230 -28.10 8.19 -14.42
C VAL C 230 -29.03 7.54 -15.43
N ASP C 231 -30.33 7.69 -15.22
CA ASP C 231 -31.34 7.21 -16.16
C ASP C 231 -31.58 8.28 -17.24
N GLU C 232 -32.52 8.01 -18.14
CA GLU C 232 -32.82 8.91 -19.25
C GLU C 232 -33.23 10.31 -18.77
N LYS C 233 -33.74 10.40 -17.54
CA LYS C 233 -34.23 11.66 -16.99
C LYS C 233 -33.17 12.35 -16.13
N GLY C 234 -31.94 11.82 -16.15
CA GLY C 234 -30.83 12.42 -15.43
C GLY C 234 -30.87 12.19 -13.93
N ARG C 235 -31.71 11.24 -13.51
CA ARG C 235 -31.80 10.85 -12.10
C ARG C 235 -30.77 9.78 -11.78
N VAL C 236 -30.10 9.93 -10.64
CA VAL C 236 -29.04 9.00 -10.25
C VAL C 236 -29.61 7.65 -9.80
N VAL C 237 -29.08 6.57 -10.35
CA VAL C 237 -29.54 5.23 -10.03
C VAL C 237 -28.41 4.36 -9.47
N ASP C 238 -27.17 4.73 -9.80
CA ASP C 238 -26.01 3.99 -9.32
C ASP C 238 -24.78 4.91 -9.30
N ILE C 239 -23.65 4.33 -8.93
CA ILE C 239 -22.38 5.08 -8.87
C ILE C 239 -21.26 4.13 -9.32
N TYR C 240 -20.45 4.57 -10.29
CA TYR C 240 -19.29 3.80 -10.73
C TYR C 240 -18.01 4.51 -10.25
N SER C 241 -17.45 3.99 -9.17
CA SER C 241 -16.21 4.54 -8.63
C SER C 241 -15.01 3.93 -9.35
N LYS C 242 -13.88 4.65 -9.31
CA LYS C 242 -12.61 4.09 -9.74
C LYS C 242 -12.33 2.79 -9.00
N PHE C 243 -12.69 2.75 -7.72
CA PHE C 243 -12.55 1.54 -6.93
C PHE C 243 -13.26 0.32 -7.53
N ASP C 244 -14.38 0.55 -8.21
CA ASP C 244 -15.13 -0.54 -8.83
C ASP C 244 -14.40 -1.11 -10.05
N VAL C 245 -13.40 -0.36 -10.53
CA VAL C 245 -12.65 -0.72 -11.71
C VAL C 245 -11.56 -1.79 -11.46
N ILE C 246 -10.85 -1.76 -10.33
CA ILE C 246 -9.82 -2.79 -10.09
C ILE C 246 -10.34 -4.21 -10.02
N ASN C 247 -11.65 -4.36 -9.82
CA ASN C 247 -12.30 -5.65 -9.98
C ASN C 247 -11.86 -6.31 -11.30
N LEU C 248 -11.73 -5.50 -12.35
CA LEU C 248 -11.30 -5.96 -13.67
C LEU C 248 -9.93 -6.63 -13.66
N ALA C 249 -9.06 -6.23 -12.74
CA ALA C 249 -7.71 -6.81 -12.63
C ALA C 249 -7.72 -8.28 -12.16
N ALA C 250 -8.83 -8.69 -11.55
CA ALA C 250 -9.02 -10.07 -11.10
C ALA C 250 -9.23 -11.06 -12.26
N GLU C 251 -9.84 -10.58 -13.36
CA GLU C 251 -10.05 -11.40 -14.55
C GLU C 251 -8.74 -11.59 -15.32
N LYS C 252 -8.57 -12.77 -15.92
CA LYS C 252 -7.37 -13.06 -16.72
C LYS C 252 -7.46 -12.51 -18.15
N THR C 253 -8.66 -12.10 -18.57
CA THR C 253 -8.94 -11.82 -19.97
C THR C 253 -8.84 -10.34 -20.39
N TYR C 254 -9.29 -9.43 -19.52
CA TYR C 254 -9.38 -7.99 -19.82
C TYR C 254 -10.30 -7.62 -21.00
N ASN C 255 -10.73 -8.63 -21.75
CA ASN C 255 -11.51 -8.42 -22.97
C ASN C 255 -12.96 -8.00 -22.72
N ASN C 256 -13.41 -8.06 -21.47
CA ASN C 256 -14.78 -7.69 -21.11
C ASN C 256 -14.95 -6.22 -20.73
N LEU C 257 -14.41 -5.32 -21.56
CA LEU C 257 -14.53 -3.87 -21.33
C LEU C 257 -15.63 -3.27 -22.19
N ASP C 258 -16.34 -4.13 -22.89
CA ASP C 258 -17.45 -3.71 -23.73
C ASP C 258 -18.78 -3.88 -23.00
N VAL C 259 -18.75 -4.52 -21.83
CA VAL C 259 -19.94 -4.65 -20.99
C VAL C 259 -20.36 -3.30 -20.44
N SER C 260 -21.65 -3.18 -20.10
CA SER C 260 -22.17 -1.95 -19.51
C SER C 260 -21.64 -1.75 -18.10
N VAL C 261 -21.64 -0.49 -17.67
CA VAL C 261 -21.30 -0.15 -16.29
C VAL C 261 -22.21 -0.88 -15.29
N THR C 262 -23.49 -1.00 -15.64
CA THR C 262 -24.47 -1.71 -14.81
C THR C 262 -24.08 -3.18 -14.63
N LYS C 263 -23.72 -3.83 -15.74
CA LYS C 263 -23.23 -5.22 -15.71
C LYS C 263 -21.94 -5.35 -14.91
N ALA C 264 -21.04 -4.36 -15.06
CA ALA C 264 -19.78 -4.34 -14.33
C ALA C 264 -19.96 -4.26 -12.81
N LEU C 265 -21.03 -3.59 -12.38
CA LEU C 265 -21.30 -3.38 -10.96
C LEU C 265 -22.01 -4.55 -10.26
N GLN C 266 -22.35 -5.59 -11.01
CA GLN C 266 -22.84 -6.84 -10.42
C GLN C 266 -21.74 -7.44 -9.54
N HIS C 267 -20.50 -7.21 -9.95
CA HIS C 267 -19.31 -7.66 -9.23
C HIS C 267 -19.05 -6.91 -7.92
N ARG C 268 -19.69 -5.76 -7.73
CA ARG C 268 -19.55 -4.98 -6.48
C ARG C 268 -20.02 -5.79 -5.28
N SER C 269 -19.06 -6.51 -4.69
CA SER C 269 -19.33 -7.38 -3.55
C SER C 269 -19.73 -6.55 -2.33
N HIS C 270 -20.72 -7.08 -1.62
CA HIS C 270 -21.36 -6.50 -0.43
C HIS C 270 -22.87 -6.59 -0.67
N TYR C 271 -23.59 -5.58 -0.23
CA TYR C 271 -24.91 -5.30 -0.79
C TYR C 271 -25.05 -3.80 -1.01
N PHE C 272 -26.06 -3.43 -1.78
CA PHE C 272 -26.26 -2.05 -2.17
C PHE C 272 -27.63 -1.58 -1.67
N GLU C 273 -27.62 -0.60 -0.77
CA GLU C 273 -28.80 0.25 -0.60
C GLU C 273 -28.74 1.18 -1.80
N GLY C 274 -29.43 2.31 -1.74
CA GLY C 274 -29.33 3.25 -2.87
C GLY C 274 -27.95 3.88 -2.99
N VAL C 275 -27.81 4.81 -3.92
CA VAL C 275 -26.65 5.67 -3.89
C VAL C 275 -26.81 6.65 -2.73
N LEU C 276 -25.69 6.96 -2.07
CA LEU C 276 -25.69 7.88 -0.94
C LEU C 276 -25.69 9.31 -1.47
N LYS C 277 -26.73 10.04 -1.11
CA LYS C 277 -26.99 11.35 -1.68
C LYS C 277 -27.10 12.41 -0.60
N CYS C 278 -27.18 13.66 -1.05
CA CYS C 278 -27.51 14.78 -0.18
C CYS C 278 -28.22 15.89 -0.97
N TYR C 279 -28.83 16.80 -0.24
CA TYR C 279 -29.39 18.00 -0.82
C TYR C 279 -28.45 19.18 -0.60
N LEU C 280 -28.54 20.15 -1.49
CA LEU C 280 -27.77 21.41 -1.44
C LEU C 280 -27.96 22.16 -0.13
N HIS C 281 -29.10 21.94 0.51
CA HIS C 281 -29.47 22.75 1.66
C HIS C 281 -29.22 22.07 3.00
N GLU C 282 -28.55 20.92 2.97
CA GLU C 282 -28.17 20.27 4.22
C GLU C 282 -26.94 20.96 4.82
N THR C 283 -26.82 20.91 6.15
CA THR C 283 -25.70 21.54 6.86
C THR C 283 -24.40 20.78 6.62
N LEU C 284 -23.28 21.48 6.79
CA LEU C 284 -21.96 20.86 6.66
C LEU C 284 -21.86 19.70 7.66
N GLU C 285 -22.37 19.94 8.88
CA GLU C 285 -22.39 18.91 9.92
C GLU C 285 -23.09 17.62 9.48
N ALA C 286 -24.31 17.76 8.96
CA ALA C 286 -25.09 16.62 8.48
C ALA C 286 -24.32 15.84 7.40
N ILE C 287 -23.67 16.58 6.50
CA ILE C 287 -22.93 15.97 5.39
C ILE C 287 -21.66 15.26 5.87
N ILE C 288 -20.89 15.91 6.76
CA ILE C 288 -19.72 15.27 7.35
C ILE C 288 -20.15 13.98 8.07
N ASN C 289 -21.21 14.07 8.88
CA ASN C 289 -21.70 12.89 9.60
C ASN C 289 -22.06 11.75 8.66
N ARG C 290 -22.82 12.07 7.60
CA ARG C 290 -23.23 11.07 6.61
C ARG C 290 -22.04 10.39 5.93
N LEU C 291 -21.08 11.20 5.47
CA LEU C 291 -19.86 10.71 4.83
C LEU C 291 -19.00 9.80 5.71
N VAL C 292 -18.82 10.19 6.97
CA VAL C 292 -17.99 9.42 7.91
C VAL C 292 -18.65 8.07 8.25
N GLU C 293 -19.97 8.07 8.50
CA GLU C 293 -20.70 6.82 8.78
C GLU C 293 -20.64 5.90 7.58
N ALA C 294 -20.88 6.43 6.38
CA ALA C 294 -20.90 5.62 5.17
C ALA C 294 -19.53 5.11 4.66
N GLU C 295 -18.44 5.77 5.06
CA GLU C 295 -17.07 5.41 4.64
C GLU C 295 -16.87 5.49 3.13
N VAL C 296 -17.43 6.54 2.57
CA VAL C 296 -17.55 6.72 1.15
C VAL C 296 -16.84 8.05 0.85
N HIS C 297 -16.26 8.19 -0.35
CA HIS C 297 -15.45 9.38 -0.69
C HIS C 297 -16.28 10.61 -1.15
N ARG C 298 -17.48 10.39 -1.66
CA ARG C 298 -18.39 11.50 -2.03
C ARG C 298 -19.87 11.13 -1.87
N LEU C 299 -20.70 12.18 -1.79
CA LEU C 299 -22.15 12.06 -1.93
C LEU C 299 -22.55 12.72 -3.23
N VAL C 300 -23.61 12.22 -3.86
CA VAL C 300 -24.15 12.87 -5.04
C VAL C 300 -25.18 13.88 -4.57
N VAL C 301 -25.00 15.13 -4.98
CA VAL C 301 -25.95 16.20 -4.69
C VAL C 301 -27.08 16.14 -5.70
N VAL C 302 -28.29 16.12 -5.17
CA VAL C 302 -29.47 15.78 -5.92
C VAL C 302 -30.56 16.78 -5.56
N ASP C 303 -31.48 17.04 -6.49
CA ASP C 303 -32.65 17.85 -6.15
C ASP C 303 -33.76 16.98 -5.55
N GLU C 304 -34.91 17.61 -5.36
CA GLU C 304 -36.13 16.98 -4.86
C GLU C 304 -36.51 15.67 -5.59
N HIS C 305 -36.10 15.55 -6.85
CA HIS C 305 -36.53 14.44 -7.71
C HIS C 305 -35.43 13.43 -8.08
N ASP C 306 -34.30 13.48 -7.37
CA ASP C 306 -33.13 12.61 -7.65
C ASP C 306 -32.30 13.01 -8.87
N VAL C 307 -32.65 14.14 -9.50
CA VAL C 307 -31.82 14.67 -10.59
C VAL C 307 -30.49 15.17 -10.00
N VAL C 308 -29.37 14.71 -10.54
CA VAL C 308 -28.07 15.16 -10.03
C VAL C 308 -27.75 16.63 -10.32
N LYS C 309 -27.35 17.33 -9.26
CA LYS C 309 -27.04 18.76 -9.30
C LYS C 309 -25.56 18.99 -9.10
N GLY C 310 -24.89 18.06 -8.44
CA GLY C 310 -23.46 18.17 -8.20
C GLY C 310 -22.86 17.02 -7.41
N ILE C 311 -21.64 17.24 -6.94
CA ILE C 311 -20.94 16.28 -6.09
C ILE C 311 -20.32 16.98 -4.90
N VAL C 312 -20.43 16.36 -3.73
CA VAL C 312 -19.66 16.81 -2.58
C VAL C 312 -18.72 15.70 -2.14
N SER C 313 -17.43 15.94 -2.38
CA SER C 313 -16.39 14.97 -2.15
C SER C 313 -15.64 15.30 -0.88
N LEU C 314 -14.93 14.30 -0.34
CA LEU C 314 -14.02 14.51 0.79
C LEU C 314 -12.93 15.52 0.46
N SER C 315 -12.54 15.56 -0.80
CA SER C 315 -11.61 16.58 -1.29
C SER C 315 -12.20 17.99 -1.06
N ASP C 316 -13.50 18.14 -1.31
CA ASP C 316 -14.18 19.43 -1.14
C ASP C 316 -14.22 19.81 0.32
N ILE C 317 -14.63 18.86 1.16
CA ILE C 317 -14.79 19.08 2.59
C ILE C 317 -13.47 19.46 3.28
N LEU C 318 -12.42 18.69 3.00
CA LEU C 318 -11.11 18.92 3.62
C LEU C 318 -10.48 20.23 3.14
N GLN C 319 -10.68 20.56 1.86
CA GLN C 319 -10.24 21.85 1.38
C GLN C 319 -10.95 22.98 2.16
N ALA C 320 -12.24 22.84 2.39
CA ALA C 320 -12.99 23.83 3.18
C ALA C 320 -12.52 23.90 4.64
N LEU C 321 -12.31 22.75 5.27
CA LEU C 321 -11.92 22.71 6.68
C LEU C 321 -10.52 23.28 6.92
N VAL C 322 -9.72 23.29 5.86
CA VAL C 322 -8.35 23.73 5.97
C VAL C 322 -8.24 25.25 5.76
N LEU C 323 -9.27 25.82 5.13
CA LEU C 323 -9.38 27.27 4.93
C LEU C 323 -10.48 27.84 5.83
N THR C 324 -10.92 27.03 6.80
CA THR C 324 -12.15 27.25 7.58
C THR C 324 -13.41 27.19 6.69
N GLY C 325 -14.43 26.48 7.16
CA GLY C 325 -15.67 26.23 6.39
C GLY C 325 -16.06 27.34 5.43
N GLY C 326 -16.17 26.98 4.14
CA GLY C 326 -16.47 27.95 3.08
C GLY C 326 -15.81 27.62 1.74
P AMP D . -14.96 5.15 -2.97
O1P AMP D . -13.77 4.61 -2.19
O2P AMP D . -14.68 5.78 -4.30
O3P AMP D . -15.93 5.90 -2.10
O5' AMP D . -15.76 3.79 -3.37
C5' AMP D . -15.94 2.73 -2.43
C4' AMP D . -17.15 1.84 -2.77
O4' AMP D . -18.36 2.48 -2.33
C3' AMP D . -17.32 1.59 -4.27
O3' AMP D . -17.84 0.26 -4.44
C2' AMP D . -18.37 2.60 -4.70
O2' AMP D . -19.15 2.18 -5.81
C1' AMP D . -19.21 2.78 -3.44
N9 AMP D . -19.67 4.19 -3.36
C8 AMP D . -18.90 5.29 -3.43
N7 AMP D . -19.65 6.42 -3.32
C5 AMP D . -20.93 6.03 -3.19
C6 AMP D . -22.24 6.69 -3.01
N6 AMP D . -22.35 8.06 -2.99
N1 AMP D . -23.32 5.88 -2.89
C2 AMP D . -23.27 4.54 -2.93
N3 AMP D . -22.10 3.88 -3.07
C4 AMP D . -20.93 4.55 -3.19
P AMP E . -4.71 9.31 -7.16
O1P AMP E . -5.95 9.47 -8.00
O2P AMP E . -4.58 7.94 -6.58
O3P AMP E . -4.49 10.42 -6.18
O5' AMP E . -3.46 9.46 -8.14
C5' AMP E . -3.33 10.43 -9.17
C4' AMP E . -1.95 10.27 -9.82
O4' AMP E . -0.93 10.73 -8.93
C3' AMP E . -1.59 8.83 -10.15
O3' AMP E . -0.88 8.79 -11.39
C2' AMP E . -0.67 8.40 -9.00
O2' AMP E . 0.30 7.43 -9.40
C1' AMP E . 0.00 9.70 -8.57
N9 AMP E . 0.21 9.78 -7.10
C8 AMP E . -0.68 9.39 -6.16
N7 AMP E . -0.20 9.61 -4.91
C5 AMP E . 1.03 10.14 -5.05
C6 AMP E . 2.08 10.62 -4.14
N6 AMP E . 1.95 10.54 -2.80
N1 AMP E . 3.21 11.11 -4.70
C2 AMP E . 3.39 11.19 -6.03
N3 AMP E . 2.47 10.78 -6.91
C4 AMP E . 1.29 10.26 -6.49
P AMP F . -12.55 13.60 -6.04
O1P AMP F . -11.41 13.69 -5.06
O2P AMP F . -13.81 12.95 -5.51
O3P AMP F . -12.18 13.16 -7.43
O5' AMP F . -13.00 15.14 -6.25
C5' AMP F . -12.10 16.15 -6.75
C4' AMP F . -12.91 17.36 -7.24
O4' AMP F . -13.70 16.96 -8.38
C3' AMP F . -13.91 17.82 -6.20
O3' AMP F . -14.05 19.23 -6.33
C2' AMP F . -15.22 17.14 -6.58
O2' AMP F . -16.35 17.90 -6.16
C1' AMP F . -15.09 17.07 -8.09
N9 AMP F . -15.74 15.88 -8.65
C8 AMP F . -15.69 14.63 -8.14
N7 AMP F . -16.39 13.76 -8.90
C5 AMP F . -16.88 14.46 -9.93
C6 AMP F . -17.69 14.15 -11.11
N6 AMP F . -18.13 12.89 -11.33
N1 AMP F . -17.98 15.16 -11.95
C2 AMP F . -17.55 16.43 -11.74
N3 AMP F . -16.80 16.80 -10.69
C4 AMP F . -16.44 15.86 -9.77
#